data_5D59
#
_entry.id   5D59
#
_cell.length_a   101.570
_cell.length_b   110.250
_cell.length_c   110.340
_cell.angle_alpha   90.00
_cell.angle_beta   90.00
_cell.angle_gamma   90.00
#
_symmetry.space_group_name_H-M   'C 2 2 21'
#
loop_
_entity.id
_entity.type
_entity.pdbx_description
1 polymer 'Di-or tripeptide:H+ symporter'
2 non-polymer ALANINE
3 non-polymer PHENYLALANINE
4 non-polymer (2S)-2,3-DIHYDROXYPROPYL(7Z)-PENTADEC-7-ENOATE
5 non-polymer 'PHOSPHATE ION'
6 non-polymer 3,6,9,12,15,18,21,24-OCTAOXAHEXACOSAN-1-OL
7 water water
#
_entity_poly.entity_id   1
_entity_poly.type   'polypeptide(L)'
_entity_poly.pdbx_seq_one_letter_code
;MEDKGKTFFGQPLGLSTLFMTEMWERFSYYGMRAILLYYMWFLISTGDLHITRATAASIMAIYASMVYLSGTIGGFVADR
IIGARPAVFWGGVLIMLGHIVLALPFGASALFGSIILIIIGTGFLKPNVSTLVGTLYDEHDRRRDAGFSIFVFGINLGAF
IAPLIVGAAQEAAGYHVAFSLAAIGMFIGLLVYYFGGKKTLDPHYLRPTDPLAPEEVKPLLVKVSLAVAGFIAIIVVMNL
VGWNSLPAYINLLTIVAIAIPVFYFAWMISSVKVTSTEHLRVVSYIPLFIAAVLFWAIEEQGSVVLATFAAERVDSSWFP
VSWFQSLNPLFIMLYTPFFAWLWTAWKKNQPSSPTKFAVGLMFAGLSFLLMAIPGALYGTSGKVSPLWLVGSWALVILGE
MLISPVGLSVTTKLAPKAFNSQMMSMWFLSSSVGSALNAQLVTLYNAKSEVAYFSYFGLGSVVLGIVLVFLSKRIQGLMQ
GVE
;
_entity_poly.pdbx_strand_id   A
#
loop_
_chem_comp.id
_chem_comp.type
_chem_comp.name
_chem_comp.formula
78M non-polymer (2S)-2,3-DIHYDROXYPROPYL(7Z)-PENTADEC-7-ENOATE 'C18 H34 O4'
PE5 non-polymer 3,6,9,12,15,18,21,24-OCTAOXAHEXACOSAN-1-OL 'C18 H38 O9'
PO4 non-polymer 'PHOSPHATE ION' 'O4 P -3'
#
# COMPACT_ATOMS: atom_id res chain seq x y z
N GLY A 5 33.42 7.43 -13.07
CA GLY A 5 32.40 8.39 -13.44
C GLY A 5 31.30 8.43 -12.41
N LYS A 6 30.60 9.56 -12.33
CA LYS A 6 29.59 9.76 -11.30
C LYS A 6 28.37 8.87 -11.51
N THR A 7 27.94 8.24 -10.42
CA THR A 7 26.76 7.39 -10.43
C THR A 7 25.85 7.81 -9.29
N PHE A 8 24.70 7.16 -9.18
CA PHE A 8 23.91 7.28 -7.96
C PHE A 8 24.03 5.95 -7.21
N PHE A 9 24.98 5.88 -6.29
CA PHE A 9 25.28 4.66 -5.55
C PHE A 9 25.58 3.51 -6.49
N GLY A 10 26.49 3.75 -7.44
CA GLY A 10 26.91 2.72 -8.36
C GLY A 10 25.98 2.58 -9.55
N GLN A 11 24.85 3.28 -9.51
CA GLN A 11 23.79 3.08 -10.51
C GLN A 11 23.73 4.24 -11.49
N PRO A 12 23.07 4.03 -12.65
CA PRO A 12 22.91 5.14 -13.59
C PRO A 12 22.22 6.33 -12.95
N LEU A 13 22.61 7.53 -13.36
CA LEU A 13 22.17 8.76 -12.72
C LEU A 13 20.66 8.98 -12.78
N GLY A 14 20.01 8.40 -13.78
CA GLY A 14 18.58 8.48 -13.90
C GLY A 14 17.87 8.00 -12.64
N LEU A 15 18.50 7.06 -11.95
CA LEU A 15 17.92 6.49 -10.74
C LEU A 15 17.64 7.56 -9.71
N SER A 16 18.50 8.59 -9.69
CA SER A 16 18.37 9.68 -8.74
C SER A 16 17.10 10.47 -8.96
N THR A 17 16.78 10.71 -10.23
CA THR A 17 15.55 11.41 -10.56
C THR A 17 14.34 10.58 -10.13
N LEU A 18 14.37 9.29 -10.44
CA LEU A 18 13.25 8.39 -10.12
C LEU A 18 13.18 8.07 -8.63
N PHE A 19 14.33 8.04 -7.99
CA PHE A 19 14.42 7.91 -6.54
C PHE A 19 13.63 9.01 -5.86
N MET A 20 13.97 10.25 -6.18
CA MET A 20 13.37 11.41 -5.53
C MET A 20 11.90 11.56 -5.89
N THR A 21 11.60 11.34 -7.16
CA THR A 21 10.22 11.39 -7.64
C THR A 21 9.30 10.51 -6.79
N GLU A 22 9.71 9.28 -6.55
CA GLU A 22 8.88 8.35 -5.78
C GLU A 22 8.93 8.63 -4.29
N MET A 23 10.08 9.11 -3.82
CA MET A 23 10.21 9.49 -2.42
C MET A 23 9.21 10.58 -2.05
N TRP A 24 9.07 11.56 -2.93
CA TRP A 24 8.16 12.67 -2.67
C TRP A 24 6.70 12.27 -2.88
N GLU A 25 6.44 11.38 -3.83
CA GLU A 25 5.08 10.87 -4.00
C GLU A 25 4.68 10.09 -2.75
N ARG A 26 5.54 9.16 -2.32
CA ARG A 26 5.31 8.40 -1.10
C ARG A 26 5.21 9.31 0.11
N PHE A 27 5.96 10.41 0.09
CA PHE A 27 5.86 11.42 1.13
C PHE A 27 4.43 11.94 1.18
N SER A 28 3.90 12.34 0.02
CA SER A 28 2.56 12.92 -0.03
C SER A 28 1.54 11.89 0.40
N TYR A 29 1.70 10.65 -0.03
CA TYR A 29 0.73 9.61 0.29
C TYR A 29 0.72 9.29 1.78
N TYR A 30 1.90 9.05 2.35
CA TYR A 30 1.96 8.58 3.73
C TYR A 30 1.79 9.70 4.75
N GLY A 31 2.18 10.93 4.38
CA GLY A 31 1.94 12.07 5.24
C GLY A 31 0.45 12.26 5.41
N MET A 32 -0.27 12.13 4.30
CA MET A 32 -1.73 12.24 4.31
C MET A 32 -2.37 11.11 5.13
N ARG A 33 -1.89 9.89 4.95
CA ARG A 33 -2.51 8.77 5.66
C ARG A 33 -2.20 8.74 7.16
N ALA A 34 -1.14 9.41 7.59
CA ALA A 34 -0.80 9.40 9.01
C ALA A 34 -1.76 10.26 9.83
N ILE A 35 -2.53 11.12 9.16
CA ILE A 35 -3.49 11.95 9.88
C ILE A 35 -4.91 11.83 9.36
N LEU A 36 -5.11 11.05 8.29
CA LEU A 36 -6.43 10.92 7.67
C LEU A 36 -7.47 10.27 8.59
N LEU A 37 -7.07 9.22 9.30
CA LEU A 37 -8.02 8.58 10.20
C LEU A 37 -8.40 9.55 11.31
N TYR A 38 -7.41 10.22 11.87
CA TYR A 38 -7.66 11.20 12.93
C TYR A 38 -8.53 12.34 12.41
N TYR A 39 -8.32 12.69 11.14
CA TYR A 39 -9.14 13.72 10.50
C TYR A 39 -10.60 13.30 10.45
N MET A 40 -10.82 12.04 10.09
CA MET A 40 -12.19 11.53 10.05
C MET A 40 -12.79 11.48 11.44
N TRP A 41 -12.00 11.06 12.43
CA TRP A 41 -12.45 11.10 13.83
C TRP A 41 -12.89 12.51 14.19
N PHE A 42 -12.10 13.47 13.76
CA PHE A 42 -12.40 14.86 14.03
C PHE A 42 -13.71 15.29 13.35
N LEU A 43 -13.87 14.91 12.09
CA LEU A 43 -15.09 15.27 11.36
C LEU A 43 -16.32 14.63 11.99
N ILE A 44 -16.14 13.42 12.49
CA ILE A 44 -17.21 12.74 13.22
C ILE A 44 -17.49 13.50 14.52
N SER A 45 -16.44 13.88 15.22
CA SER A 45 -16.58 14.52 16.53
C SER A 45 -17.35 15.83 16.45
N THR A 46 -17.30 16.50 15.30
CA THR A 46 -18.00 17.77 15.14
C THR A 46 -19.37 17.60 14.48
N GLY A 47 -19.72 16.37 14.10
CA GLY A 47 -21.01 16.10 13.51
C GLY A 47 -21.06 16.33 12.01
N ASP A 48 -19.92 16.66 11.42
CA ASP A 48 -19.85 16.93 9.99
C ASP A 48 -19.90 15.64 9.17
N LEU A 49 -19.30 14.57 9.71
CA LEU A 49 -19.21 13.30 9.01
C LEU A 49 -20.00 12.23 9.76
N HIS A 50 -21.07 11.74 9.14
CA HIS A 50 -22.01 10.87 9.82
C HIS A 50 -21.71 9.38 9.67
N ILE A 51 -20.62 8.94 10.26
CA ILE A 51 -20.27 7.53 10.26
C ILE A 51 -19.70 7.16 11.62
N THR A 52 -19.64 5.87 11.90
CA THR A 52 -18.95 5.38 13.09
C THR A 52 -17.45 5.35 12.84
N ARG A 53 -16.68 5.26 13.92
CA ARG A 53 -15.24 5.13 13.82
C ARG A 53 -14.83 3.83 13.14
N ALA A 54 -15.64 2.79 13.36
CA ALA A 54 -15.44 1.50 12.71
C ALA A 54 -15.51 1.65 11.20
N THR A 55 -16.54 2.32 10.71
CA THR A 55 -16.66 2.62 9.29
C THR A 55 -15.50 3.48 8.80
N ALA A 56 -15.07 4.45 9.62
CA ALA A 56 -13.92 5.27 9.27
C ALA A 56 -12.68 4.42 9.07
N ALA A 57 -12.48 3.47 9.98
CA ALA A 57 -11.36 2.55 9.85
C ALA A 57 -11.50 1.73 8.57
N SER A 58 -12.74 1.34 8.28
CA SER A 58 -13.03 0.54 7.09
C SER A 58 -12.72 1.32 5.82
N ILE A 59 -12.98 2.62 5.86
CA ILE A 59 -12.67 3.50 4.74
C ILE A 59 -11.17 3.57 4.47
N MET A 60 -10.37 3.62 5.53
CA MET A 60 -8.92 3.66 5.36
C MET A 60 -8.42 2.41 4.65
N ALA A 61 -9.00 1.27 4.97
CA ALA A 61 -8.58 0.01 4.38
C ALA A 61 -8.99 -0.13 2.92
N ILE A 62 -10.26 0.15 2.60
CA ILE A 62 -10.72 -0.01 1.22
C ILE A 62 -10.09 1.06 0.32
N TYR A 63 -9.71 2.17 0.92
CA TYR A 63 -9.02 3.25 0.22
C TYR A 63 -7.66 2.75 -0.25
N ALA A 64 -6.91 2.14 0.67
CA ALA A 64 -5.62 1.56 0.33
C ALA A 64 -5.78 0.45 -0.70
N SER A 65 -6.85 -0.32 -0.56
CA SER A 65 -7.10 -1.42 -1.49
C SER A 65 -7.30 -0.89 -2.91
N MET A 66 -8.09 0.16 -3.05
CA MET A 66 -8.38 0.72 -4.37
C MET A 66 -7.14 1.35 -4.99
N VAL A 67 -6.29 1.94 -4.15
CA VAL A 67 -5.09 2.62 -4.63
C VAL A 67 -4.14 1.65 -5.36
N TYR A 68 -4.10 0.39 -4.91
CA TYR A 68 -3.18 -0.58 -5.51
C TYR A 68 -3.88 -1.43 -6.57
N LEU A 69 -5.18 -1.59 -6.45
CA LEU A 69 -5.96 -2.22 -7.50
C LEU A 69 -5.84 -1.38 -8.78
N SER A 70 -5.86 -0.07 -8.60
CA SER A 70 -5.72 0.87 -9.70
C SER A 70 -4.38 0.72 -10.40
N GLY A 71 -3.34 0.38 -9.65
CA GLY A 71 -2.00 0.21 -10.19
C GLY A 71 -1.86 -1.06 -11.00
N THR A 72 -2.81 -1.97 -10.87
CA THR A 72 -2.77 -3.23 -11.59
C THR A 72 -3.09 -3.03 -13.07
N ILE A 73 -3.65 -1.89 -13.41
CA ILE A 73 -3.91 -1.58 -14.81
C ILE A 73 -3.16 -0.34 -15.28
N GLY A 74 -2.50 0.35 -14.36
CA GLY A 74 -1.71 1.52 -14.70
C GLY A 74 -0.60 1.23 -15.70
N GLY A 75 0.04 0.08 -15.53
CA GLY A 75 1.11 -0.33 -16.42
C GLY A 75 0.64 -0.54 -17.83
N PHE A 76 -0.50 -1.23 -17.98
CA PHE A 76 -1.12 -1.46 -19.28
C PHE A 76 -1.41 -0.15 -20.00
N VAL A 77 -2.07 0.77 -19.30
CA VAL A 77 -2.46 2.04 -19.88
C VAL A 77 -1.26 2.86 -20.38
N ALA A 78 -0.15 2.81 -19.63
CA ALA A 78 1.06 3.47 -20.07
C ALA A 78 1.68 2.73 -21.25
N ASP A 79 1.84 1.41 -21.12
CA ASP A 79 2.53 0.63 -22.13
C ASP A 79 1.79 0.60 -23.47
N ARG A 80 0.46 0.66 -23.43
CA ARG A 80 -0.32 0.48 -24.65
C ARG A 80 -0.98 1.76 -25.16
N ILE A 81 -1.23 2.73 -24.28
CA ILE A 81 -1.98 3.91 -24.71
C ILE A 81 -1.22 5.24 -24.56
N ILE A 82 -0.79 5.60 -23.35
CA ILE A 82 -0.32 6.97 -23.12
C ILE A 82 1.18 7.15 -22.87
N GLY A 83 1.91 6.08 -22.65
CA GLY A 83 3.34 6.19 -22.38
C GLY A 83 3.67 6.25 -20.90
N ALA A 84 4.78 5.62 -20.52
CA ALA A 84 5.16 5.50 -19.11
C ALA A 84 5.46 6.85 -18.48
N ARG A 85 6.21 7.69 -19.19
CA ARG A 85 6.59 8.97 -18.62
C ARG A 85 5.44 9.97 -18.47
N PRO A 86 4.53 10.04 -19.46
CA PRO A 86 3.37 10.90 -19.19
C PRO A 86 2.45 10.35 -18.10
N ALA A 87 2.38 9.02 -17.97
CA ALA A 87 1.57 8.39 -16.94
C ALA A 87 1.99 8.87 -15.55
N VAL A 88 3.29 8.88 -15.33
CA VAL A 88 3.87 9.33 -14.07
C VAL A 88 3.61 10.81 -13.82
N PHE A 89 3.80 11.63 -14.86
CA PHE A 89 3.59 13.06 -14.71
C PHE A 89 2.13 13.39 -14.40
N TRP A 90 1.23 12.93 -15.25
CA TRP A 90 -0.19 13.25 -15.08
C TRP A 90 -0.77 12.50 -13.89
N GLY A 91 -0.18 11.35 -13.58
CA GLY A 91 -0.50 10.68 -12.33
C GLY A 91 -0.15 11.58 -11.15
N GLY A 92 1.05 12.15 -11.17
CA GLY A 92 1.51 13.04 -10.12
C GLY A 92 0.60 14.25 -9.96
N VAL A 93 0.18 14.82 -11.10
CA VAL A 93 -0.71 15.98 -11.08
C VAL A 93 -2.03 15.64 -10.39
N LEU A 94 -2.59 14.46 -10.69
CA LEU A 94 -3.85 14.06 -10.11
C LEU A 94 -3.71 13.83 -8.60
N ILE A 95 -2.59 13.28 -8.19
CA ILE A 95 -2.29 13.11 -6.77
C ILE A 95 -2.20 14.43 -6.05
N MET A 96 -1.45 15.38 -6.62
CA MET A 96 -1.32 16.71 -6.04
C MET A 96 -2.71 17.34 -5.87
N LEU A 97 -3.53 17.25 -6.90
CA LEU A 97 -4.88 17.80 -6.87
C LEU A 97 -5.69 17.16 -5.76
N GLY A 98 -5.49 15.87 -5.54
CA GLY A 98 -6.20 15.15 -4.51
C GLY A 98 -5.87 15.68 -3.13
N HIS A 99 -4.59 16.01 -2.91
CA HIS A 99 -4.18 16.55 -1.62
C HIS A 99 -4.63 18.01 -1.47
N ILE A 100 -4.66 18.74 -2.58
CA ILE A 100 -5.11 20.13 -2.54
C ILE A 100 -6.56 20.21 -2.10
N VAL A 101 -7.36 19.26 -2.57
CA VAL A 101 -8.77 19.20 -2.22
C VAL A 101 -8.99 19.20 -0.71
N LEU A 102 -8.14 18.47 0.02
CA LEU A 102 -8.24 18.38 1.46
C LEU A 102 -7.70 19.63 2.15
N ALA A 103 -6.87 20.39 1.45
CA ALA A 103 -6.32 21.62 2.01
C ALA A 103 -7.33 22.76 1.89
N LEU A 104 -8.29 22.58 0.99
CA LEU A 104 -9.37 23.55 0.81
C LEU A 104 -10.25 23.61 2.05
N PRO A 105 -10.89 24.75 2.28
CA PRO A 105 -11.69 24.91 3.50
C PRO A 105 -13.04 24.19 3.43
N PHE A 106 -12.97 22.88 3.28
CA PHE A 106 -14.16 22.04 3.27
C PHE A 106 -14.07 20.98 4.36
N GLY A 107 -15.10 20.14 4.45
CA GLY A 107 -15.13 19.09 5.44
C GLY A 107 -15.31 17.72 4.81
N ALA A 108 -16.39 17.06 5.18
CA ALA A 108 -16.66 15.69 4.74
C ALA A 108 -16.97 15.62 3.26
N SER A 109 -17.49 16.70 2.69
CA SER A 109 -17.90 16.72 1.29
C SER A 109 -16.70 16.62 0.35
N ALA A 110 -15.52 16.97 0.84
CA ALA A 110 -14.31 16.94 0.03
C ALA A 110 -13.60 15.58 0.03
N LEU A 111 -14.01 14.68 0.93
CA LEU A 111 -13.29 13.43 1.12
C LEU A 111 -13.31 12.54 -0.10
N PHE A 112 -14.48 12.39 -0.71
CA PHE A 112 -14.65 11.51 -1.85
C PHE A 112 -13.83 11.96 -3.05
N GLY A 113 -13.86 13.26 -3.33
CA GLY A 113 -13.12 13.82 -4.44
C GLY A 113 -11.64 13.61 -4.27
N SER A 114 -11.16 13.82 -3.05
CA SER A 114 -9.74 13.62 -2.74
C SER A 114 -9.34 12.17 -3.01
N ILE A 115 -10.13 11.26 -2.45
CA ILE A 115 -9.87 9.83 -2.55
C ILE A 115 -9.83 9.36 -4.00
N ILE A 116 -10.80 9.78 -4.81
CA ILE A 116 -10.86 9.37 -6.21
C ILE A 116 -9.65 9.86 -7.00
N LEU A 117 -9.30 11.12 -6.81
CA LEU A 117 -8.16 11.70 -7.50
C LEU A 117 -6.87 10.94 -7.17
N ILE A 118 -6.68 10.63 -5.90
CA ILE A 118 -5.44 9.95 -5.48
C ILE A 118 -5.43 8.49 -5.94
N ILE A 119 -6.58 7.83 -5.91
CA ILE A 119 -6.70 6.48 -6.43
C ILE A 119 -6.29 6.42 -7.91
N ILE A 120 -6.84 7.32 -8.70
CA ILE A 120 -6.54 7.36 -10.13
C ILE A 120 -5.08 7.73 -10.35
N GLY A 121 -4.63 8.79 -9.67
CA GLY A 121 -3.27 9.27 -9.85
C GLY A 121 -2.22 8.23 -9.51
N THR A 122 -2.39 7.56 -8.38
CA THR A 122 -1.44 6.55 -7.92
C THR A 122 -1.43 5.33 -8.82
N GLY A 123 -2.57 5.03 -9.42
CA GLY A 123 -2.63 3.95 -10.39
C GLY A 123 -1.76 4.23 -11.60
N PHE A 124 -1.70 5.50 -12.00
CA PHE A 124 -0.88 5.91 -13.13
C PHE A 124 0.60 5.97 -12.77
N LEU A 125 0.90 6.55 -11.62
CA LEU A 125 2.28 6.85 -11.27
C LEU A 125 3.07 5.64 -10.75
N LYS A 126 2.55 4.95 -9.73
CA LYS A 126 3.37 3.98 -9.00
C LYS A 126 3.91 2.80 -9.82
N PRO A 127 3.06 2.11 -10.60
CA PRO A 127 3.67 1.00 -11.33
C PRO A 127 4.62 1.47 -12.41
N ASN A 128 4.40 2.69 -12.90
CA ASN A 128 5.19 3.17 -14.03
C ASN A 128 6.49 3.84 -13.61
N VAL A 129 6.52 4.42 -12.41
CA VAL A 129 7.78 4.95 -11.90
C VAL A 129 8.73 3.78 -11.62
N SER A 130 8.18 2.67 -11.14
CA SER A 130 8.96 1.45 -10.86
C SER A 130 9.43 0.82 -12.16
N THR A 131 8.56 0.85 -13.16
CA THR A 131 8.85 0.34 -14.49
C THR A 131 9.99 1.11 -15.12
N LEU A 132 10.01 2.42 -14.90
CA LEU A 132 11.04 3.28 -15.45
C LEU A 132 12.42 2.99 -14.86
N VAL A 133 12.45 2.52 -13.61
CA VAL A 133 13.71 2.15 -12.98
C VAL A 133 14.39 1.02 -13.76
N GLY A 134 13.58 0.07 -14.20
CA GLY A 134 14.07 -1.01 -15.05
C GLY A 134 14.64 -0.52 -16.37
N THR A 135 14.05 0.54 -16.93
CA THR A 135 14.47 1.08 -18.22
C THR A 135 15.85 1.71 -18.20
N LEU A 136 16.39 1.94 -17.02
CA LEU A 136 17.73 2.48 -16.86
C LEU A 136 18.75 1.42 -17.20
N TYR A 137 18.32 0.18 -17.02
CA TYR A 137 19.22 -0.94 -17.22
C TYR A 137 18.93 -1.72 -18.46
N ASP A 138 20.01 -2.16 -19.10
CA ASP A 138 19.95 -3.25 -20.04
C ASP A 138 19.54 -4.43 -19.17
N GLU A 139 18.85 -5.39 -19.79
CA GLU A 139 18.44 -6.60 -19.12
C GLU A 139 19.65 -7.44 -18.78
N HIS A 140 20.74 -7.27 -19.52
CA HIS A 140 21.92 -8.06 -19.25
C HIS A 140 22.53 -7.62 -17.91
N ASP A 141 22.24 -6.40 -17.48
CA ASP A 141 22.95 -5.74 -16.36
C ASP A 141 22.70 -6.37 -14.99
N ARG A 142 23.76 -6.48 -14.20
CA ARG A 142 23.70 -7.13 -12.90
C ARG A 142 23.29 -6.18 -11.79
N ARG A 143 23.58 -4.90 -11.96
CA ARG A 143 23.25 -3.89 -10.96
C ARG A 143 21.74 -3.80 -10.71
N ARG A 144 20.96 -4.34 -11.64
CA ARG A 144 19.52 -4.12 -11.71
C ARG A 144 18.75 -4.30 -10.40
N ASP A 145 19.08 -5.36 -9.66
CA ASP A 145 18.40 -5.66 -8.39
C ASP A 145 18.90 -4.78 -7.25
N ALA A 146 20.14 -4.32 -7.37
CA ALA A 146 20.65 -3.35 -6.42
C ALA A 146 19.92 -2.03 -6.60
N GLY A 147 19.68 -1.67 -7.86
CA GLY A 147 18.99 -0.45 -8.21
C GLY A 147 17.59 -0.33 -7.63
N PHE A 148 16.83 -1.42 -7.68
CA PHE A 148 15.49 -1.44 -7.13
C PHE A 148 15.51 -1.40 -5.60
N SER A 149 16.53 -2.02 -5.01
CA SER A 149 16.67 -2.02 -3.56
C SER A 149 16.90 -0.60 -3.07
N ILE A 150 17.74 0.15 -3.78
CA ILE A 150 17.91 1.57 -3.54
C ILE A 150 16.59 2.31 -3.71
N PHE A 151 15.86 1.98 -4.78
CA PHE A 151 14.59 2.61 -5.09
C PHE A 151 13.62 2.40 -3.94
N VAL A 152 13.59 1.19 -3.41
CA VAL A 152 12.67 0.85 -2.34
C VAL A 152 13.05 1.61 -1.08
N PHE A 153 14.35 1.81 -0.89
CA PHE A 153 14.85 2.60 0.24
C PHE A 153 14.32 4.03 0.16
N GLY A 154 14.23 4.56 -1.07
CA GLY A 154 13.66 5.88 -1.30
C GLY A 154 12.19 5.95 -0.98
N ILE A 155 11.47 4.87 -1.30
CA ILE A 155 10.06 4.73 -0.96
C ILE A 155 9.86 4.88 0.54
N ASN A 156 10.72 4.22 1.31
CA ASN A 156 10.57 4.22 2.74
C ASN A 156 11.18 5.46 3.37
N LEU A 157 12.16 6.05 2.69
CA LEU A 157 12.66 7.35 3.10
C LEU A 157 11.52 8.37 3.15
N GLY A 158 10.74 8.46 2.07
CA GLY A 158 9.61 9.38 2.04
C GLY A 158 8.54 9.00 3.05
N ALA A 159 8.28 7.70 3.16
CA ALA A 159 7.31 7.19 4.11
C ALA A 159 7.72 7.48 5.56
N PHE A 160 9.02 7.64 5.79
CA PHE A 160 9.53 7.88 7.15
C PHE A 160 9.43 9.33 7.58
N ILE A 161 9.79 10.25 6.70
CA ILE A 161 9.84 11.65 7.07
C ILE A 161 8.47 12.33 6.96
N ALA A 162 7.54 11.73 6.22
CA ALA A 162 6.24 12.37 5.99
C ALA A 162 5.38 12.50 7.27
N PRO A 163 5.21 11.41 8.05
CA PRO A 163 4.44 11.59 9.28
C PRO A 163 5.08 12.55 10.28
N LEU A 164 6.40 12.59 10.34
CA LEU A 164 7.08 13.48 11.27
C LEU A 164 6.75 14.92 10.93
N ILE A 165 6.83 15.24 9.63
CA ILE A 165 6.63 16.61 9.16
C ILE A 165 5.14 16.96 9.09
N VAL A 166 4.34 16.10 8.48
CA VAL A 166 2.92 16.40 8.33
C VAL A 166 2.19 16.34 9.68
N GLY A 167 2.51 15.33 10.48
CA GLY A 167 1.92 15.21 11.80
C GLY A 167 2.20 16.39 12.72
N ALA A 168 3.45 16.84 12.77
CA ALA A 168 3.83 18.00 13.56
C ALA A 168 3.08 19.23 13.07
N ALA A 169 3.04 19.39 11.76
CA ALA A 169 2.33 20.50 11.15
C ALA A 169 0.84 20.48 11.49
N GLN A 170 0.25 19.29 11.53
CA GLN A 170 -1.18 19.19 11.85
C GLN A 170 -1.47 19.70 13.25
N GLU A 171 -0.67 19.27 14.22
CA GLU A 171 -0.88 19.65 15.61
C GLU A 171 -0.64 21.14 15.80
N ALA A 172 0.35 21.67 15.10
CA ALA A 172 0.70 23.08 15.21
C ALA A 172 -0.29 23.99 14.48
N ALA A 173 -0.48 23.77 13.19
CA ALA A 173 -1.20 24.73 12.36
C ALA A 173 -2.54 24.20 11.81
N GLY A 174 -2.89 22.97 12.19
CA GLY A 174 -4.17 22.41 11.79
C GLY A 174 -4.12 21.46 10.61
N TYR A 175 -5.24 20.79 10.36
CA TYR A 175 -5.34 19.76 9.33
C TYR A 175 -5.12 20.26 7.91
N HIS A 176 -5.82 21.32 7.54
CA HIS A 176 -5.74 21.87 6.19
C HIS A 176 -4.30 22.22 5.81
N VAL A 177 -3.59 22.85 6.73
CA VAL A 177 -2.21 23.21 6.47
C VAL A 177 -1.40 21.94 6.27
N ALA A 178 -1.61 20.96 7.15
CA ALA A 178 -0.89 19.70 7.08
C ALA A 178 -1.12 19.00 5.74
N PHE A 179 -2.36 18.98 5.29
CA PHE A 179 -2.68 18.39 4.00
C PHE A 179 -2.02 19.18 2.85
N SER A 180 -1.97 20.50 2.98
CA SER A 180 -1.30 21.32 1.97
C SER A 180 0.16 20.92 1.82
N LEU A 181 0.80 20.54 2.92
CA LEU A 181 2.20 20.11 2.88
C LEU A 181 2.36 18.86 2.03
N ALA A 182 1.38 17.97 2.13
CA ALA A 182 1.40 16.78 1.30
C ALA A 182 1.36 17.18 -0.17
N ALA A 183 0.45 18.08 -0.53
CA ALA A 183 0.36 18.57 -1.91
C ALA A 183 1.69 19.15 -2.39
N ILE A 184 2.32 19.94 -1.51
CA ILE A 184 3.60 20.56 -1.81
C ILE A 184 4.66 19.49 -2.05
N GLY A 185 4.61 18.42 -1.24
CA GLY A 185 5.50 17.29 -1.43
C GLY A 185 5.39 16.68 -2.82
N MET A 186 4.15 16.47 -3.28
CA MET A 186 3.94 15.95 -4.64
C MET A 186 4.41 16.95 -5.68
N PHE A 187 4.11 18.23 -5.44
CA PHE A 187 4.58 19.29 -6.34
C PHE A 187 6.10 19.25 -6.50
N ILE A 188 6.82 19.11 -5.40
CA ILE A 188 8.28 19.00 -5.43
C ILE A 188 8.71 17.78 -6.24
N GLY A 189 7.99 16.67 -6.07
CA GLY A 189 8.23 15.47 -6.87
C GLY A 189 8.06 15.71 -8.36
N LEU A 190 7.02 16.45 -8.75
CA LEU A 190 6.75 16.71 -10.15
C LEU A 190 7.83 17.59 -10.79
N LEU A 191 8.29 18.60 -10.05
CA LEU A 191 9.36 19.47 -10.52
C LEU A 191 10.63 18.70 -10.85
N VAL A 192 11.13 17.98 -9.86
CA VAL A 192 12.32 17.17 -10.04
C VAL A 192 12.12 16.16 -11.16
N TYR A 193 10.95 15.53 -11.19
CA TYR A 193 10.65 14.52 -12.19
C TYR A 193 10.65 15.12 -13.59
N TYR A 194 10.00 16.27 -13.74
CA TYR A 194 9.86 16.86 -15.06
C TYR A 194 11.20 17.32 -15.62
N PHE A 195 11.90 18.16 -14.87
CA PHE A 195 13.17 18.71 -15.34
C PHE A 195 14.30 17.68 -15.27
N GLY A 196 14.26 16.80 -14.27
CA GLY A 196 15.27 15.77 -14.14
C GLY A 196 15.10 14.67 -15.17
N GLY A 197 13.84 14.41 -15.54
CA GLY A 197 13.54 13.41 -16.54
C GLY A 197 14.05 13.81 -17.91
N LYS A 198 13.85 15.07 -18.27
CA LYS A 198 14.27 15.60 -19.56
C LYS A 198 15.78 15.53 -19.73
N LYS A 199 16.51 15.63 -18.63
CA LYS A 199 17.96 15.57 -18.66
C LYS A 199 18.48 14.15 -18.71
N THR A 200 17.82 13.26 -17.97
CA THR A 200 18.39 11.95 -17.65
C THR A 200 17.60 10.72 -18.10
N LEU A 201 16.43 10.91 -18.69
CA LEU A 201 15.60 9.75 -19.07
C LEU A 201 15.42 9.61 -20.58
N ASP A 202 15.38 8.37 -21.03
CA ASP A 202 15.18 8.03 -22.43
C ASP A 202 13.84 8.56 -22.96
N PRO A 203 13.87 9.36 -24.03
CA PRO A 203 12.63 9.88 -24.63
C PRO A 203 11.80 8.80 -25.31
N HIS A 204 12.29 7.56 -25.27
CA HIS A 204 11.56 6.42 -25.77
C HIS A 204 10.23 6.27 -25.03
N TYR A 205 10.25 6.56 -23.74
CA TYR A 205 9.10 6.28 -22.88
C TYR A 205 8.17 7.47 -22.73
N LEU A 206 8.33 8.45 -23.61
CA LEU A 206 7.34 9.51 -23.78
C LEU A 206 6.13 8.94 -24.50
N ARG A 207 6.33 7.82 -25.19
CA ARG A 207 5.24 7.19 -25.92
C ARG A 207 5.06 5.74 -25.44
N PRO A 208 3.88 5.16 -25.70
CA PRO A 208 3.70 3.74 -25.39
C PRO A 208 4.63 2.85 -26.20
N THR A 209 5.19 1.85 -25.55
CA THR A 209 6.14 0.93 -26.18
C THR A 209 5.42 -0.17 -26.97
N ASP A 210 4.19 -0.46 -26.60
CA ASP A 210 3.39 -1.44 -27.34
C ASP A 210 2.02 -0.84 -27.68
N PRO A 211 2.01 0.18 -28.57
CA PRO A 211 0.76 0.86 -28.89
C PRO A 211 -0.28 -0.07 -29.49
N LEU A 212 -1.55 0.16 -29.18
CA LEU A 212 -2.64 -0.64 -29.71
C LEU A 212 -2.63 -0.67 -31.23
N ALA A 213 -2.66 -1.88 -31.80
CA ALA A 213 -2.82 -2.03 -33.24
C ALA A 213 -4.25 -1.64 -33.61
N PRO A 214 -4.49 -1.27 -34.87
CA PRO A 214 -5.84 -0.83 -35.29
C PRO A 214 -6.97 -1.77 -34.89
N GLU A 215 -6.82 -3.08 -35.13
CA GLU A 215 -7.88 -4.02 -34.82
C GLU A 215 -8.01 -4.32 -33.31
N GLU A 216 -7.11 -3.79 -32.49
CA GLU A 216 -7.18 -4.07 -31.06
C GLU A 216 -8.04 -3.05 -30.30
N VAL A 217 -8.29 -1.91 -30.92
CA VAL A 217 -8.96 -0.80 -30.24
C VAL A 217 -10.41 -1.10 -29.87
N LYS A 218 -11.19 -1.56 -30.84
CA LYS A 218 -12.60 -1.82 -30.60
C LYS A 218 -12.87 -2.92 -29.56
N PRO A 219 -12.15 -4.05 -29.64
CA PRO A 219 -12.37 -5.07 -28.59
C PRO A 219 -12.03 -4.58 -27.18
N LEU A 220 -10.95 -3.82 -27.04
CA LEU A 220 -10.62 -3.26 -25.73
C LEU A 220 -11.75 -2.36 -25.24
N LEU A 221 -12.24 -1.51 -26.13
CA LEU A 221 -13.33 -0.61 -25.80
C LEU A 221 -14.61 -1.36 -25.38
N VAL A 222 -14.92 -2.42 -26.11
CA VAL A 222 -16.06 -3.28 -25.76
C VAL A 222 -15.87 -3.87 -24.37
N LYS A 223 -14.67 -4.38 -24.14
CA LYS A 223 -14.34 -5.02 -22.87
C LYS A 223 -14.52 -4.08 -21.69
N VAL A 224 -13.95 -2.88 -21.76
CA VAL A 224 -14.04 -1.97 -20.63
C VAL A 224 -15.46 -1.43 -20.46
N SER A 225 -16.16 -1.26 -21.58
CA SER A 225 -17.53 -0.74 -21.57
C SER A 225 -18.49 -1.72 -20.87
N LEU A 226 -18.30 -3.01 -21.12
CA LEU A 226 -19.11 -4.03 -20.49
C LEU A 226 -18.84 -4.13 -18.98
N ALA A 227 -17.58 -3.91 -18.60
CA ALA A 227 -17.20 -3.94 -17.20
C ALA A 227 -17.80 -2.75 -16.45
N VAL A 228 -17.69 -1.57 -17.04
CA VAL A 228 -18.29 -0.37 -16.47
C VAL A 228 -19.82 -0.48 -16.39
N ALA A 229 -20.43 -1.01 -17.46
CA ALA A 229 -21.88 -1.16 -17.50
C ALA A 229 -22.38 -2.14 -16.44
N GLY A 230 -21.69 -3.27 -16.30
CA GLY A 230 -22.04 -4.27 -15.31
C GLY A 230 -21.90 -3.73 -13.90
N PHE A 231 -20.80 -3.05 -13.64
CA PHE A 231 -20.56 -2.44 -12.34
C PHE A 231 -21.63 -1.41 -12.00
N ILE A 232 -22.04 -0.65 -13.01
CA ILE A 232 -23.09 0.34 -12.83
C ILE A 232 -24.45 -0.34 -12.61
N ALA A 233 -24.68 -1.45 -13.29
CA ALA A 233 -25.93 -2.19 -13.12
C ALA A 233 -26.09 -2.67 -11.68
N ILE A 234 -25.00 -3.18 -11.10
CA ILE A 234 -25.03 -3.71 -9.73
C ILE A 234 -25.39 -2.61 -8.73
N ILE A 235 -24.82 -1.43 -8.93
CA ILE A 235 -25.09 -0.30 -8.06
C ILE A 235 -26.54 0.16 -8.17
N VAL A 236 -27.09 0.10 -9.38
CA VAL A 236 -28.51 0.37 -9.60
C VAL A 236 -29.37 -0.60 -8.81
N VAL A 237 -29.08 -1.89 -8.95
CA VAL A 237 -29.82 -2.91 -8.23
C VAL A 237 -29.71 -2.75 -6.72
N MET A 238 -28.52 -2.37 -6.26
CA MET A 238 -28.28 -2.18 -4.83
C MET A 238 -29.18 -1.11 -4.22
N ASN A 239 -29.43 -0.05 -4.99
CA ASN A 239 -30.25 1.04 -4.49
C ASN A 239 -31.74 0.69 -4.51
N LEU A 240 -32.16 -0.04 -5.55
CA LEU A 240 -33.51 -0.54 -5.65
C LEU A 240 -33.89 -1.34 -4.40
N VAL A 241 -32.99 -2.24 -4.01
CA VAL A 241 -33.26 -3.21 -2.94
C VAL A 241 -32.94 -2.60 -1.57
N GLY A 242 -32.48 -1.37 -1.57
CA GLY A 242 -32.20 -0.68 -0.31
C GLY A 242 -30.82 -0.91 0.27
N TRP A 243 -29.96 -1.61 -0.44
CA TRP A 243 -28.58 -1.82 -0.01
C TRP A 243 -27.69 -0.68 -0.48
N ASN A 244 -27.97 0.53 -0.02
CA ASN A 244 -27.26 1.70 -0.51
C ASN A 244 -26.55 2.53 0.56
N SER A 245 -26.17 1.89 1.65
CA SER A 245 -25.41 2.60 2.67
C SER A 245 -23.94 2.60 2.29
N LEU A 246 -23.16 3.44 2.96
CA LEU A 246 -21.72 3.47 2.73
C LEU A 246 -21.06 2.11 2.98
N PRO A 247 -21.40 1.43 4.10
CA PRO A 247 -20.80 0.11 4.27
C PRO A 247 -21.21 -0.88 3.18
N ALA A 248 -22.40 -0.71 2.62
CA ALA A 248 -22.83 -1.53 1.50
C ALA A 248 -21.90 -1.34 0.30
N TYR A 249 -21.56 -0.09 0.01
CA TYR A 249 -20.64 0.20 -1.08
C TYR A 249 -19.24 -0.35 -0.78
N ILE A 250 -18.82 -0.29 0.47
CA ILE A 250 -17.51 -0.81 0.85
C ILE A 250 -17.50 -2.32 0.66
N ASN A 251 -18.60 -2.97 1.00
CA ASN A 251 -18.75 -4.40 0.78
C ASN A 251 -18.68 -4.76 -0.71
N LEU A 252 -19.25 -3.91 -1.55
CA LEU A 252 -19.16 -4.09 -2.99
C LEU A 252 -17.71 -4.08 -3.47
N LEU A 253 -16.97 -3.04 -3.09
CA LEU A 253 -15.56 -2.91 -3.48
C LEU A 253 -14.72 -4.07 -2.95
N THR A 254 -15.03 -4.55 -1.75
CA THR A 254 -14.33 -5.68 -1.17
C THR A 254 -14.49 -6.90 -2.05
N ILE A 255 -15.74 -7.17 -2.41
CA ILE A 255 -16.11 -8.30 -3.21
C ILE A 255 -15.45 -8.24 -4.58
N VAL A 256 -15.46 -7.06 -5.20
CA VAL A 256 -14.84 -6.92 -6.51
C VAL A 256 -13.36 -7.21 -6.41
N ALA A 257 -12.73 -6.65 -5.39
CA ALA A 257 -11.29 -6.77 -5.20
C ALA A 257 -10.87 -8.22 -5.03
N ILE A 258 -11.66 -8.97 -4.27
CA ILE A 258 -11.34 -10.36 -3.98
C ILE A 258 -11.77 -11.28 -5.12
N ALA A 259 -12.82 -10.90 -5.83
CA ALA A 259 -13.29 -11.70 -6.97
C ALA A 259 -12.25 -11.73 -8.09
N ILE A 260 -11.45 -10.68 -8.21
CA ILE A 260 -10.47 -10.60 -9.29
C ILE A 260 -9.42 -11.72 -9.24
N PRO A 261 -8.71 -11.91 -8.11
CA PRO A 261 -7.74 -13.01 -8.15
C PRO A 261 -8.39 -14.39 -8.15
N VAL A 262 -9.53 -14.50 -7.48
CA VAL A 262 -10.26 -15.75 -7.45
C VAL A 262 -10.69 -16.14 -8.87
N PHE A 263 -11.41 -15.24 -9.54
CA PHE A 263 -11.79 -15.43 -10.93
C PHE A 263 -10.55 -15.69 -11.79
N TYR A 264 -9.47 -14.97 -11.54
CA TYR A 264 -8.27 -15.13 -12.31
C TYR A 264 -7.73 -16.60 -12.17
N PHE A 265 -7.21 -16.92 -10.99
CA PHE A 265 -6.72 -18.25 -10.70
C PHE A 265 -7.66 -19.37 -11.13
N ALA A 266 -8.98 -19.23 -10.94
CA ALA A 266 -9.88 -20.38 -11.09
C ALA A 266 -10.00 -20.99 -12.52
N TRP A 267 -9.75 -20.20 -13.57
CA TRP A 267 -9.93 -20.72 -14.94
C TRP A 267 -8.73 -20.64 -15.88
N MET A 268 -7.59 -20.19 -15.37
CA MET A 268 -6.26 -20.53 -15.89
C MET A 268 -5.93 -21.91 -15.43
N ILE A 269 -6.71 -22.39 -14.48
CA ILE A 269 -6.69 -23.79 -14.21
C ILE A 269 -8.01 -24.26 -14.83
N THR A 275 1.28 -29.32 -19.44
CA THR A 275 -0.17 -29.47 -19.48
C THR A 275 -0.72 -29.70 -18.07
N SER A 276 -0.79 -30.95 -17.66
CA SER A 276 -1.16 -31.32 -16.30
C SER A 276 -0.13 -30.74 -15.34
N THR A 277 1.11 -30.66 -15.81
CA THR A 277 2.20 -30.08 -15.03
C THR A 277 2.05 -28.57 -14.87
N GLU A 278 1.67 -27.90 -15.95
CA GLU A 278 1.47 -26.45 -15.92
C GLU A 278 0.37 -26.12 -14.93
N HIS A 279 -0.75 -26.80 -15.07
CA HIS A 279 -1.88 -26.71 -14.15
C HIS A 279 -1.43 -26.59 -12.69
N LEU A 280 -0.55 -27.50 -12.26
CA LEU A 280 -0.13 -27.60 -10.85
C LEU A 280 0.78 -26.46 -10.44
N ARG A 281 1.71 -26.10 -11.32
CA ARG A 281 2.67 -25.08 -10.96
C ARG A 281 1.99 -23.72 -10.82
N VAL A 282 0.86 -23.55 -11.49
CA VAL A 282 0.04 -22.38 -11.25
C VAL A 282 -0.62 -22.53 -9.88
N VAL A 283 -1.12 -23.74 -9.59
CA VAL A 283 -1.75 -24.02 -8.30
C VAL A 283 -0.70 -23.95 -7.18
N SER A 284 0.56 -24.10 -7.56
CA SER A 284 1.66 -24.00 -6.60
C SER A 284 1.84 -22.59 -6.03
N TYR A 285 1.42 -21.58 -6.80
CA TYR A 285 1.59 -20.20 -6.37
C TYR A 285 0.36 -19.64 -5.66
N ILE A 286 -0.73 -20.41 -5.62
CA ILE A 286 -1.89 -20.02 -4.83
C ILE A 286 -1.56 -19.82 -3.33
N PRO A 287 -0.92 -20.81 -2.68
CA PRO A 287 -0.65 -20.60 -1.25
C PRO A 287 0.30 -19.42 -1.01
N LEU A 288 1.17 -19.15 -1.98
CA LEU A 288 2.13 -18.06 -1.83
C LEU A 288 1.43 -16.72 -2.06
N PHE A 289 0.42 -16.72 -2.90
CA PHE A 289 -0.40 -15.54 -3.10
C PHE A 289 -1.21 -15.24 -1.84
N ILE A 290 -1.77 -16.29 -1.25
CA ILE A 290 -2.51 -16.15 -0.02
C ILE A 290 -1.62 -15.62 1.09
N ALA A 291 -0.39 -16.13 1.15
CA ALA A 291 0.56 -15.71 2.17
C ALA A 291 0.82 -14.21 2.06
N ALA A 292 0.99 -13.74 0.84
CA ALA A 292 1.24 -12.33 0.61
C ALA A 292 0.02 -11.47 0.99
N VAL A 293 -1.17 -11.97 0.68
CA VAL A 293 -2.41 -11.26 0.99
C VAL A 293 -2.59 -11.08 2.50
N LEU A 294 -2.41 -12.16 3.25
CA LEU A 294 -2.58 -12.12 4.70
C LEU A 294 -1.46 -11.30 5.35
N PHE A 295 -0.25 -11.41 4.84
CA PHE A 295 0.83 -10.59 5.35
C PHE A 295 0.53 -9.10 5.16
N TRP A 296 0.13 -8.72 3.95
CA TRP A 296 -0.14 -7.32 3.66
C TRP A 296 -1.38 -6.83 4.39
N ALA A 297 -2.31 -7.75 4.67
CA ALA A 297 -3.45 -7.43 5.51
C ALA A 297 -2.94 -6.89 6.84
N ILE A 298 -2.08 -7.66 7.50
CA ILE A 298 -1.53 -7.30 8.80
C ILE A 298 -0.65 -6.05 8.72
N GLU A 299 0.19 -5.97 7.69
CA GLU A 299 1.07 -4.82 7.50
C GLU A 299 0.28 -3.51 7.30
N GLU A 300 -0.79 -3.59 6.52
CA GLU A 300 -1.62 -2.41 6.24
C GLU A 300 -2.51 -2.01 7.42
N GLN A 301 -2.70 -2.92 8.37
CA GLN A 301 -3.47 -2.58 9.56
C GLN A 301 -2.70 -1.64 10.47
N GLY A 302 -1.40 -1.48 10.21
CA GLY A 302 -0.57 -0.58 11.00
C GLY A 302 -1.10 0.84 10.95
N SER A 303 -1.59 1.25 9.79
CA SER A 303 -2.06 2.61 9.60
C SER A 303 -3.52 2.77 10.05
N VAL A 304 -4.12 1.68 10.52
CA VAL A 304 -5.52 1.71 10.92
C VAL A 304 -5.72 1.27 12.37
N VAL A 305 -5.47 -0.01 12.63
CA VAL A 305 -5.68 -0.53 13.97
C VAL A 305 -4.55 -0.09 14.90
N LEU A 306 -3.32 -0.14 14.41
CA LEU A 306 -2.21 0.27 15.24
C LEU A 306 -2.23 1.78 15.39
N ALA A 307 -2.77 2.47 14.39
CA ALA A 307 -2.93 3.91 14.48
C ALA A 307 -3.95 4.23 15.57
N THR A 308 -5.05 3.47 15.59
CA THR A 308 -6.08 3.62 16.61
C THR A 308 -5.51 3.36 18.01
N PHE A 309 -4.71 2.30 18.14
CA PHE A 309 -4.09 1.92 19.40
C PHE A 309 -3.11 2.99 19.88
N ALA A 310 -2.32 3.50 18.93
CA ALA A 310 -1.40 4.58 19.23
C ALA A 310 -2.14 5.76 19.85
N ALA A 311 -3.28 6.10 19.27
CA ALA A 311 -4.02 7.28 19.68
C ALA A 311 -4.78 7.07 20.99
N GLU A 312 -5.19 5.84 21.27
CA GLU A 312 -6.10 5.59 22.40
C GLU A 312 -5.50 4.88 23.61
N ARG A 313 -4.43 4.12 23.40
CA ARG A 313 -3.96 3.18 24.41
C ARG A 313 -2.50 3.37 24.83
N VAL A 314 -1.89 4.43 24.34
CA VAL A 314 -0.47 4.66 24.58
C VAL A 314 -0.25 6.01 25.28
N ASP A 315 0.66 6.06 26.26
CA ASP A 315 1.04 7.35 26.80
C ASP A 315 2.19 7.94 26.00
N SER A 316 1.85 8.79 25.05
CA SER A 316 2.83 9.54 24.29
C SER A 316 2.33 10.97 24.16
N SER A 317 2.44 11.71 25.26
CA SER A 317 1.92 13.06 25.31
C SER A 317 3.00 14.09 24.96
N TRP A 318 4.16 13.62 24.53
CA TRP A 318 5.28 14.52 24.26
C TRP A 318 5.56 14.67 22.76
N PHE A 319 4.77 14.02 21.92
CA PHE A 319 4.91 14.17 20.46
C PHE A 319 3.64 13.73 19.72
N PRO A 320 3.42 14.26 18.50
CA PRO A 320 2.24 13.87 17.71
C PRO A 320 2.12 12.37 17.54
N VAL A 321 0.98 11.83 17.93
CA VAL A 321 0.74 10.40 17.87
C VAL A 321 0.81 9.86 16.44
N SER A 322 0.69 10.72 15.44
CA SER A 322 0.76 10.26 14.06
C SER A 322 2.17 9.81 13.70
N TRP A 323 3.15 10.19 14.53
CA TRP A 323 4.56 9.83 14.34
C TRP A 323 4.88 8.36 14.45
N PHE A 324 3.99 7.59 15.05
CA PHE A 324 4.19 6.14 15.15
C PHE A 324 4.19 5.52 13.75
N GLN A 325 3.58 6.21 12.78
CA GLN A 325 3.52 5.71 11.42
C GLN A 325 4.91 5.67 10.79
N SER A 326 5.88 6.35 11.40
CA SER A 326 7.24 6.39 10.88
C SER A 326 8.03 5.13 11.24
N LEU A 327 7.57 4.38 12.23
CA LEU A 327 8.31 3.22 12.72
C LEU A 327 8.43 2.14 11.67
N ASN A 328 7.36 1.96 10.91
CA ASN A 328 7.34 0.96 9.85
C ASN A 328 8.47 1.22 8.82
N PRO A 329 8.48 2.39 8.17
CA PRO A 329 9.56 2.54 7.18
C PRO A 329 10.92 2.77 7.84
N LEU A 330 10.94 3.25 9.08
CA LEU A 330 12.20 3.39 9.80
C LEU A 330 12.88 2.03 9.94
N PHE A 331 12.10 1.02 10.27
CA PHE A 331 12.64 -0.31 10.48
C PHE A 331 13.10 -0.92 9.16
N ILE A 332 12.45 -0.54 8.07
CA ILE A 332 12.88 -0.99 6.74
C ILE A 332 14.27 -0.48 6.45
N MET A 333 14.46 0.82 6.64
CA MET A 333 15.78 1.43 6.43
C MET A 333 16.83 0.86 7.38
N LEU A 334 16.44 0.61 8.62
CA LEU A 334 17.38 0.08 9.60
C LEU A 334 17.74 -1.37 9.33
N TYR A 335 16.79 -2.13 8.80
CA TYR A 335 17.04 -3.55 8.53
C TYR A 335 17.82 -3.79 7.23
N THR A 336 17.75 -2.84 6.30
CA THR A 336 18.35 -3.04 4.97
C THR A 336 19.86 -3.34 4.93
N PRO A 337 20.67 -2.67 5.78
CA PRO A 337 22.10 -3.00 5.72
C PRO A 337 22.37 -4.44 6.10
N PHE A 338 21.67 -4.92 7.12
CA PHE A 338 21.82 -6.28 7.60
C PHE A 338 21.47 -7.29 6.52
N PHE A 339 20.27 -7.15 5.95
CA PHE A 339 19.80 -8.10 4.95
C PHE A 339 20.63 -8.05 3.67
N ALA A 340 21.29 -6.92 3.45
CA ALA A 340 22.25 -6.81 2.37
C ALA A 340 23.42 -7.74 2.67
N TRP A 341 23.96 -7.59 3.87
CA TRP A 341 25.02 -8.48 4.36
C TRP A 341 24.55 -9.94 4.33
N LEU A 342 23.33 -10.17 4.77
CA LEU A 342 22.80 -11.53 4.90
C LEU A 342 22.73 -12.26 3.57
N TRP A 343 22.10 -11.65 2.57
CA TRP A 343 21.84 -12.36 1.33
C TRP A 343 23.11 -12.64 0.53
N THR A 344 24.10 -11.75 0.61
CA THR A 344 25.40 -12.05 0.03
C THR A 344 26.06 -13.18 0.82
N ALA A 345 26.40 -12.89 2.08
CA ALA A 345 27.11 -13.83 2.95
C ALA A 345 26.46 -15.22 3.01
N TRP A 346 25.14 -15.26 2.94
CA TRP A 346 24.42 -16.53 2.92
C TRP A 346 24.26 -16.99 1.47
N LYS A 347 25.13 -17.90 1.05
CA LYS A 347 25.18 -18.33 -0.35
C LYS A 347 24.47 -19.67 -0.58
N LYS A 348 24.83 -20.68 0.20
CA LYS A 348 24.14 -21.97 0.12
C LYS A 348 22.95 -21.95 1.06
N ASN A 349 21.86 -22.62 0.66
CA ASN A 349 20.65 -22.73 1.47
C ASN A 349 19.85 -21.42 1.47
N GLN A 350 20.22 -20.49 0.59
CA GLN A 350 19.37 -19.33 0.33
C GLN A 350 17.98 -19.85 0.02
N PRO A 351 17.02 -19.59 0.92
CA PRO A 351 15.85 -20.46 1.05
C PRO A 351 14.76 -20.27 0.01
N SER A 352 13.90 -21.28 -0.06
CA SER A 352 12.75 -21.30 -0.96
C SER A 352 12.00 -19.99 -0.90
N SER A 353 11.63 -19.47 -2.06
CA SER A 353 10.74 -18.32 -2.11
C SER A 353 9.45 -18.56 -1.29
N PRO A 354 8.89 -19.79 -1.34
CA PRO A 354 7.79 -20.05 -0.41
C PRO A 354 8.16 -19.95 1.07
N THR A 355 9.35 -20.38 1.46
CA THR A 355 9.70 -20.37 2.88
C THR A 355 9.82 -18.96 3.41
N LYS A 356 10.37 -18.06 2.58
CA LYS A 356 10.45 -16.65 2.94
C LYS A 356 9.06 -16.09 3.18
N PHE A 357 8.07 -16.65 2.49
CA PHE A 357 6.68 -16.27 2.69
C PHE A 357 6.11 -16.86 3.97
N ALA A 358 6.45 -18.12 4.23
CA ALA A 358 5.96 -18.79 5.43
C ALA A 358 6.39 -18.02 6.66
N VAL A 359 7.70 -17.89 6.83
CA VAL A 359 8.28 -17.22 7.97
C VAL A 359 7.78 -15.78 8.09
N GLY A 360 7.76 -15.08 6.95
CA GLY A 360 7.32 -13.69 6.91
C GLY A 360 5.93 -13.49 7.49
N LEU A 361 5.07 -14.48 7.28
CA LEU A 361 3.71 -14.46 7.81
C LEU A 361 3.69 -14.77 9.30
N MET A 362 4.57 -15.67 9.73
CA MET A 362 4.67 -16.02 11.14
C MET A 362 5.08 -14.81 11.96
N PHE A 363 6.02 -14.03 11.43
CA PHE A 363 6.45 -12.79 12.07
C PHE A 363 5.30 -11.80 12.19
N ALA A 364 4.58 -11.61 11.08
CA ALA A 364 3.40 -10.76 11.06
C ALA A 364 2.44 -11.23 12.15
N GLY A 365 2.27 -12.54 12.24
CA GLY A 365 1.44 -13.15 13.27
C GLY A 365 1.98 -12.91 14.67
N LEU A 366 3.30 -12.94 14.81
CA LEU A 366 3.95 -12.64 16.09
C LEU A 366 3.76 -11.18 16.49
N SER A 367 3.72 -10.30 15.50
CA SER A 367 3.61 -8.87 15.76
C SER A 367 2.28 -8.56 16.44
N PHE A 368 1.24 -9.28 16.03
CA PHE A 368 -0.10 -9.12 16.61
C PHE A 368 -0.22 -9.84 17.95
N LEU A 369 0.36 -11.03 18.05
CA LEU A 369 0.32 -11.79 19.30
C LEU A 369 0.93 -10.96 20.41
N LEU A 370 2.04 -10.28 20.11
CA LEU A 370 2.69 -9.39 21.06
C LEU A 370 1.74 -8.28 21.52
N MET A 371 0.91 -7.78 20.61
CA MET A 371 -0.01 -6.70 20.93
C MET A 371 -1.20 -7.16 21.78
N ALA A 372 -1.39 -8.47 21.88
CA ALA A 372 -2.44 -9.01 22.74
C ALA A 372 -2.01 -8.98 24.21
N ILE A 373 -0.70 -8.90 24.44
CA ILE A 373 -0.18 -8.97 25.80
C ILE A 373 -0.49 -7.75 26.68
N PRO A 374 -0.24 -6.52 26.19
CA PRO A 374 -0.46 -5.40 27.13
C PRO A 374 -1.89 -5.34 27.69
N GLY A 375 -2.89 -5.65 26.88
CA GLY A 375 -4.27 -5.63 27.34
C GLY A 375 -4.59 -6.80 28.28
N ALA A 376 -3.94 -7.93 28.03
CA ALA A 376 -4.11 -9.11 28.86
C ALA A 376 -3.51 -8.89 30.24
N LEU A 377 -2.40 -8.16 30.28
CA LEU A 377 -1.66 -7.94 31.52
C LEU A 377 -2.17 -6.73 32.30
N TYR A 378 -2.43 -5.63 31.61
CA TYR A 378 -2.72 -4.36 32.26
C TYR A 378 -4.19 -3.94 32.15
N GLY A 379 -4.95 -4.63 31.31
CA GLY A 379 -6.29 -4.21 31.01
C GLY A 379 -6.31 -3.24 29.84
N THR A 380 -7.50 -2.96 29.30
CA THR A 380 -7.61 -2.14 28.10
C THR A 380 -8.14 -0.73 28.32
N SER A 381 -8.39 -0.34 29.57
CA SER A 381 -8.98 0.96 29.83
C SER A 381 -7.93 2.03 30.07
N GLY A 382 -6.70 1.60 30.31
CA GLY A 382 -5.61 2.53 30.60
C GLY A 382 -4.70 2.76 29.42
N LYS A 383 -3.45 3.09 29.72
CA LYS A 383 -2.47 3.35 28.68
C LYS A 383 -1.16 2.64 28.97
N VAL A 384 -0.53 2.14 27.92
CA VAL A 384 0.69 1.37 28.05
C VAL A 384 1.86 2.04 27.34
N SER A 385 3.04 1.47 27.54
CA SER A 385 4.27 2.00 26.95
C SER A 385 4.26 1.97 25.43
N PRO A 386 4.82 3.02 24.82
CA PRO A 386 5.02 3.12 23.36
C PRO A 386 5.87 1.98 22.81
N LEU A 387 6.61 1.28 23.67
CA LEU A 387 7.52 0.25 23.21
C LEU A 387 6.82 -1.01 22.69
N TRP A 388 5.56 -1.20 23.11
CA TRP A 388 4.77 -2.32 22.58
C TRP A 388 4.61 -2.15 21.08
N LEU A 389 4.20 -0.96 20.66
CA LEU A 389 4.06 -0.70 19.23
C LEU A 389 5.41 -0.77 18.54
N VAL A 390 6.44 -0.30 19.20
CA VAL A 390 7.80 -0.36 18.65
C VAL A 390 8.24 -1.81 18.46
N GLY A 391 7.93 -2.67 19.43
CA GLY A 391 8.23 -4.08 19.32
C GLY A 391 7.37 -4.74 18.27
N SER A 392 6.10 -4.33 18.19
CA SER A 392 5.18 -4.89 17.21
C SER A 392 5.62 -4.62 15.78
N TRP A 393 5.99 -3.38 15.49
CA TRP A 393 6.43 -3.04 14.14
C TRP A 393 7.78 -3.66 13.83
N ALA A 394 8.61 -3.82 14.84
CA ALA A 394 9.90 -4.46 14.65
C ALA A 394 9.72 -5.86 14.09
N LEU A 395 8.72 -6.57 14.60
CA LEU A 395 8.45 -7.94 14.19
C LEU A 395 7.87 -8.02 12.78
N VAL A 396 6.88 -7.17 12.49
CA VAL A 396 6.18 -7.26 11.22
C VAL A 396 7.09 -6.84 10.06
N ILE A 397 8.04 -5.95 10.33
CA ILE A 397 8.96 -5.48 9.29
C ILE A 397 10.04 -6.54 9.01
N LEU A 398 10.34 -7.38 10.00
CA LEU A 398 11.17 -8.57 9.76
C LEU A 398 10.58 -9.39 8.62
N GLY A 399 9.26 -9.59 8.70
CA GLY A 399 8.54 -10.25 7.64
C GLY A 399 8.69 -9.54 6.30
N GLU A 400 8.48 -8.22 6.30
CA GLU A 400 8.51 -7.45 5.07
C GLU A 400 9.88 -7.54 4.38
N MET A 401 10.92 -7.69 5.19
CA MET A 401 12.27 -7.89 4.66
C MET A 401 12.39 -9.19 3.88
N LEU A 402 11.64 -10.19 4.31
CA LEU A 402 11.66 -11.49 3.66
C LEU A 402 10.79 -11.50 2.41
N ILE A 403 9.76 -10.67 2.41
CA ILE A 403 8.74 -10.69 1.36
C ILE A 403 9.20 -9.95 0.10
N SER A 404 9.93 -8.85 0.27
CA SER A 404 10.42 -8.09 -0.87
C SER A 404 11.36 -8.93 -1.73
N MET A 423 4.67 -10.46 -12.13
CA MET A 423 4.28 -9.13 -12.60
C MET A 423 4.16 -8.13 -11.46
N MET A 424 4.40 -6.85 -11.77
CA MET A 424 4.12 -5.78 -10.85
C MET A 424 2.65 -5.83 -10.42
N SER A 425 1.78 -6.15 -11.38
CA SER A 425 0.33 -6.16 -11.15
C SER A 425 -0.07 -7.09 -10.02
N MET A 426 0.41 -8.34 -10.11
CA MET A 426 0.15 -9.34 -9.10
C MET A 426 0.56 -8.86 -7.71
N TRP A 427 1.72 -8.23 -7.67
CA TRP A 427 2.26 -7.66 -6.44
C TRP A 427 1.29 -6.62 -5.88
N PHE A 428 0.83 -5.72 -6.74
CA PHE A 428 -0.17 -4.72 -6.37
C PHE A 428 -1.50 -5.37 -6.04
N LEU A 429 -1.73 -6.55 -6.61
CA LEU A 429 -2.99 -7.25 -6.43
C LEU A 429 -3.07 -7.92 -5.06
N SER A 430 -1.99 -8.58 -4.65
CA SER A 430 -1.95 -9.24 -3.35
C SER A 430 -2.18 -8.23 -2.23
N SER A 431 -1.55 -7.07 -2.39
CA SER A 431 -1.72 -5.96 -1.46
C SER A 431 -3.18 -5.47 -1.45
N SER A 432 -3.76 -5.28 -2.63
CA SER A 432 -5.11 -4.79 -2.76
C SER A 432 -6.13 -5.70 -2.07
N VAL A 433 -5.95 -7.00 -2.24
CA VAL A 433 -6.84 -7.99 -1.61
C VAL A 433 -6.66 -7.98 -0.10
N GLY A 434 -5.42 -7.84 0.36
CA GLY A 434 -5.14 -7.74 1.78
C GLY A 434 -5.92 -6.61 2.43
N SER A 435 -5.90 -5.44 1.79
CA SER A 435 -6.60 -4.27 2.32
C SER A 435 -8.11 -4.42 2.19
N ALA A 436 -8.57 -5.10 1.15
CA ALA A 436 -9.99 -5.39 1.01
C ALA A 436 -10.46 -6.28 2.15
N LEU A 437 -9.65 -7.28 2.50
CA LEU A 437 -9.94 -8.12 3.66
C LEU A 437 -10.00 -7.27 4.92
N ASN A 438 -9.03 -6.37 5.07
CA ASN A 438 -8.97 -5.46 6.21
C ASN A 438 -10.25 -4.63 6.37
N ALA A 439 -10.85 -4.25 5.25
CA ALA A 439 -12.01 -3.37 5.26
C ALA A 439 -13.17 -3.97 6.06
N GLN A 440 -13.19 -5.29 6.14
CA GLN A 440 -14.16 -5.94 7.01
C GLN A 440 -13.57 -6.24 8.39
N LEU A 441 -12.29 -6.60 8.43
CA LEU A 441 -11.69 -7.06 9.69
C LEU A 441 -11.55 -5.93 10.70
N VAL A 442 -11.03 -4.79 10.26
CA VAL A 442 -10.73 -3.69 11.17
C VAL A 442 -12.00 -3.09 11.82
N THR A 443 -13.18 -3.43 11.31
CA THR A 443 -14.42 -2.96 11.92
C THR A 443 -14.71 -3.71 13.22
N LEU A 444 -14.00 -4.81 13.42
CA LEU A 444 -14.17 -5.64 14.62
C LEU A 444 -13.28 -5.14 15.75
N TYR A 445 -12.33 -4.26 15.45
CA TYR A 445 -11.40 -3.82 16.48
C TYR A 445 -11.96 -2.69 17.32
N ASN A 446 -11.92 -2.89 18.64
CA ASN A 446 -12.20 -1.85 19.61
C ASN A 446 -11.56 -2.29 20.92
N ALA A 447 -11.56 -1.43 21.94
CA ALA A 447 -10.79 -1.72 23.14
C ALA A 447 -11.36 -2.93 23.88
N LYS A 448 -12.63 -3.24 23.64
CA LYS A 448 -13.28 -4.38 24.26
C LYS A 448 -13.07 -5.66 23.44
N SER A 449 -12.66 -5.52 22.18
CA SER A 449 -12.32 -6.68 21.36
C SER A 449 -10.79 -6.89 21.31
N GLU A 450 -10.04 -5.83 21.65
CA GLU A 450 -8.58 -5.75 21.48
C GLU A 450 -7.78 -7.04 21.64
N VAL A 451 -7.85 -7.62 22.83
CA VAL A 451 -7.05 -8.81 23.14
C VAL A 451 -7.44 -9.99 22.24
N ALA A 452 -8.74 -10.26 22.14
CA ALA A 452 -9.21 -11.35 21.29
C ALA A 452 -8.83 -11.09 19.84
N TYR A 453 -9.03 -9.85 19.40
CA TYR A 453 -8.69 -9.43 18.05
C TYR A 453 -7.23 -9.72 17.70
N PHE A 454 -6.33 -9.23 18.53
CA PHE A 454 -4.90 -9.39 18.30
C PHE A 454 -4.48 -10.86 18.42
N SER A 455 -4.99 -11.54 19.43
CA SER A 455 -4.59 -12.92 19.69
C SER A 455 -5.06 -13.88 18.59
N TYR A 456 -6.29 -13.73 18.15
CA TYR A 456 -6.84 -14.71 17.22
C TYR A 456 -6.37 -14.49 15.79
N PHE A 457 -6.27 -13.25 15.35
CA PHE A 457 -5.71 -12.98 14.02
C PHE A 457 -4.20 -13.16 14.05
N GLY A 458 -3.62 -13.06 15.24
CA GLY A 458 -2.19 -13.28 15.40
C GLY A 458 -1.85 -14.76 15.32
N LEU A 459 -2.61 -15.58 16.05
CA LEU A 459 -2.37 -17.01 16.06
C LEU A 459 -2.67 -17.62 14.70
N GLY A 460 -3.80 -17.21 14.10
CA GLY A 460 -4.21 -17.72 12.81
C GLY A 460 -3.12 -17.56 11.76
N SER A 461 -2.47 -16.40 11.77
CA SER A 461 -1.40 -16.09 10.84
C SER A 461 -0.18 -16.97 11.05
N VAL A 462 0.17 -17.22 12.32
CA VAL A 462 1.31 -18.09 12.63
C VAL A 462 1.00 -19.52 12.19
N VAL A 463 -0.21 -19.96 12.52
CA VAL A 463 -0.65 -21.31 12.23
C VAL A 463 -0.61 -21.66 10.75
N LEU A 464 -1.16 -20.80 9.89
CA LEU A 464 -1.14 -21.15 8.47
C LEU A 464 0.10 -20.58 7.78
N GLY A 465 1.05 -20.10 8.58
CA GLY A 465 2.39 -19.84 8.10
C GLY A 465 3.18 -21.10 8.34
N ILE A 466 2.75 -21.84 9.36
CA ILE A 466 3.27 -23.17 9.65
C ILE A 466 2.70 -24.18 8.67
N VAL A 467 1.42 -24.04 8.35
CA VAL A 467 0.75 -24.86 7.36
C VAL A 467 1.47 -24.75 6.02
N LEU A 468 2.02 -23.57 5.77
CA LEU A 468 2.77 -23.33 4.55
C LEU A 468 4.15 -23.99 4.57
N VAL A 469 4.50 -24.58 5.72
CA VAL A 469 5.77 -25.31 5.86
C VAL A 469 5.54 -26.78 5.52
N PHE A 470 4.43 -27.33 6.00
CA PHE A 470 3.97 -28.65 5.61
C PHE A 470 3.83 -28.76 4.10
N LEU A 471 3.32 -27.69 3.50
CA LEU A 471 3.06 -27.67 2.07
C LEU A 471 4.25 -27.19 1.28
N SER A 472 5.18 -26.52 1.93
CA SER A 472 6.21 -25.75 1.22
C SER A 472 6.99 -26.50 0.14
N LYS A 473 7.51 -27.68 0.49
CA LYS A 473 8.36 -28.52 -0.37
C LYS A 473 7.53 -29.59 -1.06
N ARG A 474 6.35 -29.90 -0.50
CA ARG A 474 5.34 -30.68 -1.19
C ARG A 474 5.03 -30.02 -2.51
N ILE A 475 5.12 -28.70 -2.49
CA ILE A 475 5.18 -27.89 -3.69
C ILE A 475 6.35 -28.36 -4.56
N ALA B . 7.16 -0.23 4.41
CA ALA B . 6.03 0.47 3.79
C ALA B . 5.99 0.22 2.28
O ALA B . 7.02 0.22 1.62
CB ALA B . 6.12 1.96 4.08
N PHE C . 4.79 0.01 1.75
CA PHE C . 4.62 -0.32 0.33
C PHE C . 4.95 0.86 -0.58
O PHE C . 5.41 0.67 -1.71
CB PHE C . 3.17 -0.78 0.10
CG PHE C . 2.93 -1.31 -1.28
CD1 PHE C . 3.19 -2.63 -1.59
CD2 PHE C . 2.42 -0.48 -2.27
CE1 PHE C . 2.95 -3.12 -2.87
CE2 PHE C . 2.19 -0.96 -3.55
CZ PHE C . 2.46 -2.29 -3.85
OXT PHE C . 4.74 2.03 -0.24
O21 78M D . -26.83 -3.08 4.76
C20 78M D . -26.73 -3.45 3.41
C18 78M D . -25.72 -4.57 3.29
O19 78M D . -24.42 -4.03 3.36
C17 78M D . -25.88 -5.24 1.94
O2 78M D . -24.62 -5.62 1.47
C1 78M D . -24.50 -5.50 0.08
O1 78M D . -24.90 -4.50 -0.47
C2 78M D . -23.88 -6.60 -0.74
C3 78M D . -22.51 -6.19 -1.23
C4 78M D . -22.64 -5.27 -2.42
C5 78M D . -23.54 -5.89 -3.47
C6 78M D . -22.86 -7.09 -4.08
C7 78M D . -23.90 -8.01 -4.66
C8 78M D . -23.60 -8.78 -5.72
C9 78M D . -22.21 -8.71 -6.32
C10 78M D . -22.26 -9.07 -7.79
C11 78M D . -23.12 -10.32 -7.97
C12 78M D . -23.38 -10.55 -9.45
C13 78M D . -24.53 -9.67 -9.91
C15 78M D . -26.63 -8.73 -9.02
C14 78M D . -25.77 -9.97 -9.10
O21 78M E . -7.97 -12.39 34.18
C20 78M E . -7.34 -13.40 33.42
C18 78M E . -5.99 -12.90 32.95
O19 78M E . -6.17 -12.07 31.82
C17 78M E . -5.09 -14.06 32.60
O2 78M E . -3.74 -13.70 32.85
C1 78M E . -3.08 -13.10 31.77
O1 78M E . -3.32 -13.46 30.63
C2 78M E . -2.06 -12.01 31.98
C3 78M E . -1.22 -11.87 30.74
C4 78M E . -0.25 -13.03 30.68
C5 78M E . 0.88 -12.63 29.77
C6 78M E . 0.43 -12.89 28.36
C7 78M E . 0.39 -14.39 28.17
C8 78M E . 1.46 -15.04 27.67
C9 78M E . 2.70 -14.26 27.30
C10 78M E . 3.83 -15.23 27.11
C11 78M E . 4.73 -14.77 25.99
C12 78M E . 6.14 -14.59 26.51
C13 78M E . 7.10 -14.50 25.37
C15 78M E . 8.53 -16.07 24.08
C14 78M E . 8.08 -15.65 25.48
O21 78M F . -8.78 -10.87 27.78
C20 78M F . -7.97 -11.50 28.74
C18 78M F . -7.43 -12.80 28.18
O19 78M F . -7.40 -13.78 29.18
C17 78M F . -6.02 -12.54 27.70
O2 78M F . -5.31 -13.72 27.44
C1 78M F . -4.52 -13.62 26.28
O1 78M F . -5.04 -13.79 25.20
C2 78M F . -3.05 -13.31 26.29
C3 78M F . -2.50 -13.84 24.97
C4 78M F . -1.11 -13.34 24.69
C5 78M F . -0.53 -14.19 23.57
C6 78M F . 0.94 -13.92 23.38
C7 78M F . 1.60 -15.14 22.78
C8 78M F . 2.91 -15.12 22.42
C9 78M F . 3.74 -13.87 22.61
C10 78M F . 3.82 -13.12 21.31
C11 78M F . 5.06 -12.26 21.31
C12 78M F . 6.24 -13.16 21.04
C13 78M F . 7.41 -12.29 20.63
C15 78M F . 8.93 -13.11 18.88
C14 78M F . 8.59 -13.20 20.35
O21 78M G . -4.61 3.85 -32.61
C20 78M G . -3.86 3.22 -31.59
C18 78M G . -3.84 4.11 -30.36
O19 78M G . -3.35 3.37 -29.26
C17 78M G . -5.23 4.62 -30.09
O2 78M G . -5.82 3.89 -29.05
C1 78M G . -6.64 4.64 -28.18
O1 78M G . -7.12 5.70 -28.54
C2 78M G . -6.90 4.15 -26.77
C3 78M G . -8.38 4.27 -26.46
C4 78M G . -9.09 3.04 -26.98
C5 78M G . -10.31 2.76 -26.11
C6 78M G . -9.86 2.07 -24.84
C7 78M G . -11.05 1.91 -23.91
C8 78M G . -11.32 2.78 -22.92
C9 78M G . -10.47 4.01 -22.68
C10 78M G . -9.30 3.65 -21.79
C11 78M G . -8.89 4.90 -21.02
C12 78M G . -7.80 5.62 -21.76
C13 78M G . -6.93 6.34 -20.75
C15 78M G . -5.85 8.52 -20.35
C14 78M G . -6.33 7.56 -21.43
O21 78M H . -5.62 27.35 10.90
C20 78M H . -6.82 27.49 10.16
C18 78M H . -6.54 27.96 8.75
O19 78M H . -7.49 28.94 8.38
C17 78M H . -6.62 26.79 7.80
O2 78M H . -5.62 26.95 6.82
C1 78M H . -6.09 26.96 5.49
O1 78M H . -7.25 26.72 5.25
C2 78M H . -5.14 27.28 4.37
C3 78M H . -3.95 26.36 4.51
C4 78M H . -3.62 25.81 3.14
C5 78M H . -2.85 26.86 2.37
C6 78M H . -2.35 26.20 1.09
C7 78M H . -1.19 27.00 0.55
C8 78M H . -0.48 26.49 -0.48
C9 78M H . -0.85 25.14 -1.05
C10 78M H . -0.26 25.05 -2.44
C11 78M H . -0.36 23.62 -2.93
C12 78M H . 0.92 23.30 -3.66
C13 78M H . 0.58 22.57 -4.94
C15 78M H . 1.52 24.32 -6.40
C14 78M H . 0.25 23.58 -6.02
O21 78M I . 5.65 0.49 30.73
C20 78M I . 6.22 -0.77 31.03
C18 78M I . 7.34 -1.07 30.06
O19 78M I . 8.01 0.13 29.74
C17 78M I . 6.77 -1.66 28.81
O2 78M I . 7.34 -2.92 28.53
C1 78M I . 8.03 -2.95 27.32
O1 78M I . 9.12 -2.43 27.23
C2 78M I . 7.42 -3.64 26.13
C3 78M I . 8.31 -4.80 25.76
C4 78M I . 7.69 -5.56 24.61
C5 78M I . 7.98 -4.82 23.32
C6 78M I . 9.11 -5.51 22.61
C7 78M I . 8.85 -7.00 22.58
C8 78M I . 9.36 -7.75 21.59
C9 78M I . 10.19 -7.10 20.51
C10 78M I . 10.62 -8.12 19.50
C11 78M I . 11.87 -7.63 18.81
C12 78M I . 12.07 -8.38 17.51
C13 78M I . 12.96 -7.58 16.59
C15 78M I . 15.33 -7.00 16.27
C14 78M I . 14.24 -7.22 17.29
O21 78M J . -12.25 -9.98 16.02
C20 78M J . -12.78 -9.70 17.30
C18 78M J . -13.72 -10.81 17.71
O19 78M J . -14.12 -10.63 19.04
C17 78M J . -13.01 -12.14 17.54
O2 78M J . -12.27 -12.11 16.34
C1 78M J . -12.73 -12.99 15.33
O1 78M J . -11.94 -13.72 14.77
C2 78M J . -14.19 -13.02 14.94
C3 78M J . -14.36 -13.92 13.74
C4 78M J . -15.65 -13.63 12.99
C5 78M J . -15.43 -12.67 11.83
C6 78M J . -14.16 -12.97 11.05
C7 78M J . -14.18 -14.38 10.49
C8 78M J . -13.17 -14.83 9.71
C9 78M J . -12.01 -13.94 9.37
C10 78M J . -10.96 -14.73 8.60
C11 78M J . -10.84 -14.16 7.20
C12 78M J . -9.44 -14.36 6.68
C13 78M J . -9.19 -15.83 6.41
C15 78M J . -7.96 -17.45 4.99
C14 78M J . -8.15 -15.98 5.31
O21 78M K . 7.61 -29.33 6.46
C20 78M K . 7.93 -30.07 7.61
C18 78M K . 7.76 -31.55 7.28
O19 78M K . 7.25 -31.66 5.97
C17 78M K . 6.86 -32.25 8.27
O2 78M K . 6.16 -31.33 9.08
C1 78M K . 6.61 -31.29 10.42
O1 78M K . 7.79 -31.16 10.68
C2 78M K . 5.58 -31.41 11.53
C3 78M K . 5.90 -30.54 12.73
C4 78M K . 6.03 -29.10 12.29
C5 78M K . 6.75 -28.35 13.39
C6 78M K . 6.03 -28.60 14.70
C7 78M K . 4.91 -27.60 14.82
C8 78M K . 5.03 -26.53 15.63
C9 78M K . 6.28 -26.33 16.47
C10 78M K . 6.02 -26.89 17.87
C11 78M K . 4.67 -26.41 18.36
C12 78M K . 4.68 -26.43 19.87
C13 78M K . 3.26 -26.38 20.40
C15 78M K . 1.89 -25.96 22.41
C14 78M K . 3.31 -26.17 21.90
O21 78M L . 4.39 14.82 31.82
C20 78M L . 5.26 13.87 32.39
C18 78M L . 5.82 12.97 31.30
O19 78M L . 4.75 12.47 30.52
C17 78M L . 6.57 11.82 31.92
O2 78M L . 7.49 11.30 30.99
C1 78M L . 6.92 10.45 30.04
O1 78M L . 5.79 10.02 30.20
C2 78M L . 7.68 10.06 28.79
C3 78M L . 8.62 8.90 29.10
C4 78M L . 7.84 7.65 29.47
C5 78M L . 6.85 7.26 28.38
C6 78M L . 7.51 6.54 27.22
C7 78M L . 8.82 5.88 27.61
C8 78M L . 9.51 5.16 26.71
C9 78M L . 8.99 4.97 25.30
C10 78M L . 9.64 5.94 24.33
C11 78M L . 9.52 5.35 22.94
C12 78M L . 9.27 6.45 21.93
C13 78M L . 8.22 5.99 20.94
C15 78M L . 7.84 6.88 18.65
C14 78M L . 8.78 6.09 19.52
O21 78M M . 7.17 -4.61 33.23
C20 78M M . 7.83 -4.54 31.97
C18 78M M . 6.94 -5.12 30.89
O19 78M M . 5.65 -4.56 30.93
C17 78M M . 6.81 -6.61 31.07
O2 78M M . 6.13 -7.13 29.96
C1 78M M . 7.00 -7.70 29.02
O1 78M M . 8.16 -7.31 28.99
C2 78M M . 6.54 -8.78 28.07
C3 78M M . 7.64 -9.14 27.10
C4 78M M . 7.07 -9.22 25.70
C5 78M M . 7.43 -10.54 25.05
C6 78M M . 8.71 -10.42 24.24
C7 78M M . 9.64 -11.56 24.64
C8 78M M . 10.77 -11.85 23.94
C9 78M M . 11.16 -11.05 22.73
C10 78M M . 12.09 -11.85 21.84
C11 78M M . 11.92 -11.37 20.41
C12 78M M . 12.75 -12.21 19.46
C13 78M M . 12.37 -11.89 18.03
C15 78M M . 13.82 -12.47 16.10
C14 78M M . 12.81 -13.00 17.09
O21 78M N . 7.77 13.90 -18.62
C20 78M N . 6.80 14.92 -18.61
C18 78M N . 5.49 14.35 -19.13
O19 78M N . 5.80 13.24 -19.95
C17 78M N . 4.71 15.40 -19.89
O2 78M N . 4.51 16.51 -19.05
C1 78M N . 3.70 17.54 -19.58
O1 78M N . 2.91 17.31 -20.47
C2 78M N . 3.80 18.94 -19.03
C3 78M N . 2.68 19.79 -19.58
C4 78M N . 2.54 21.06 -18.77
C5 78M N . 1.14 21.60 -18.96
C6 78M N . 0.60 22.19 -17.67
C7 78M N . 0.92 21.28 -16.49
C8 78M N . 0.03 21.08 -15.48
C9 78M N . -1.33 21.73 -15.45
C10 78M N . -2.16 21.04 -14.37
C11 78M N . -3.36 21.87 -13.98
C12 78M N . -4.49 20.95 -13.57
C13 78M N . -5.36 21.60 -12.52
C15 78M N . -7.72 21.93 -11.81
C14 78M N . -6.77 21.04 -12.58
O21 78M O . -19.18 10.36 3.08
C20 78M O . -18.13 10.38 2.13
C18 78M O . -17.30 9.13 2.29
O19 78M O . -16.29 9.39 3.23
C17 78M O . -16.68 8.77 0.95
O2 78M O . -15.44 8.13 1.15
C1 78M O . -15.44 6.78 0.75
O1 78M O . -16.32 6.05 1.14
C2 78M O . -14.37 6.23 -0.16
C3 78M O . -14.58 4.75 -0.38
C4 78M O . -13.65 4.22 -1.46
C5 78M O . -13.70 5.11 -2.69
C6 78M O . -13.62 4.29 -3.96
C7 78M O . -14.62 4.84 -4.96
C8 78M O . -14.65 4.45 -6.25
C9 78M O . -13.67 3.43 -6.81
C10 78M O . -14.30 2.06 -6.76
C11 78M O . -13.64 1.12 -7.76
C12 78M O . -14.53 0.96 -8.96
C13 78M O . -14.17 -0.28 -9.77
C15 78M O . -14.96 -1.46 -11.81
C14 78M O . -14.70 -0.11 -11.18
O21 78M P . -4.92 -9.41 -12.84
C20 78M P . -5.99 -8.68 -13.37
C18 78M P . -5.53 -7.24 -13.51
O19 78M P . -4.15 -7.21 -13.24
C17 78M P . -6.26 -6.38 -12.51
O2 78M P . -7.65 -6.57 -12.64
C1 78M P . -8.37 -5.41 -12.99
O1 78M P . -8.88 -5.34 -14.10
C2 78M P . -8.52 -4.25 -12.03
C3 78M P . -9.84 -3.54 -12.32
C4 78M P . -9.57 -2.06 -12.49
C5 78M P . -10.32 -1.29 -11.42
C6 78M P . -9.50 -0.10 -10.97
C7 78M P . -9.70 0.11 -9.48
C8 78M P . -10.06 1.31 -8.99
C9 78M P . -10.28 2.48 -9.91
C10 78M P . -11.07 3.55 -9.18
C11 78M P . -11.00 4.86 -9.90
C12 78M P . -12.29 5.11 -10.65
C13 78M P . -12.94 6.37 -10.13
C15 78M P . -15.04 7.69 -10.29
C14 78M P . -14.45 6.30 -10.28
P PO4 Q . -19.01 20.13 4.64
O1 PO4 Q . -18.68 18.66 4.67
O2 PO4 Q . -19.89 20.43 3.44
O3 PO4 Q . -17.74 20.94 4.54
O4 PO4 Q . -19.75 20.50 5.90
O21 78M R . -18.72 -6.48 9.42
C20 78M R . -17.59 -7.10 8.85
C18 78M R . -17.61 -8.58 9.16
O19 78M R . -18.01 -8.75 10.50
C17 78M R . -16.23 -9.16 8.94
O2 78M R . -16.33 -10.55 8.68
C1 78M R . -16.18 -10.92 7.33
O1 78M R . -17.16 -10.95 6.60
C2 78M R . -14.82 -11.28 6.77
C3 78M R . -14.99 -12.05 5.47
C4 78M R . -13.66 -12.10 4.73
C5 78M R . -13.58 -13.36 3.89
C6 78M R . -12.33 -13.35 3.02
C7 78M R . -11.69 -14.73 3.00
C8 78M R . -10.72 -15.05 2.13
C9 78M R . -10.21 -14.04 1.11
C10 78M R . -8.71 -13.97 1.13
C11 78M R . -8.11 -15.04 0.25
C12 78M R . -7.70 -14.47 -1.10
C13 78M R . -8.01 -15.47 -2.20
C15 78M R . -7.16 -16.53 -4.28
C14 78M R . -6.80 -15.64 -3.10
O21 78M S . 11.13 -4.64 32.30
C20 78M S . 11.42 -4.63 30.91
C18 78M S . 11.49 -6.05 30.44
O19 78M S . 12.40 -6.74 31.27
C17 78M S . 11.94 -6.11 28.99
O2 78M S . 11.19 -7.07 28.28
C1 78M S . 11.92 -7.75 27.30
O1 78M S . 12.38 -8.85 27.52
C2 78M S . 12.13 -7.12 25.93
C3 78M S . 12.89 -8.07 25.03
C4 78M S . 14.00 -7.33 24.34
C5 78M S . 13.84 -7.39 22.84
C6 78M S . 15.04 -8.08 22.22
C7 78M S . 14.52 -9.22 21.36
C8 78M S . 15.35 -10.16 20.85
C9 78M S . 16.83 -10.12 21.12
C10 78M S . 17.56 -10.30 19.82
C11 78M S . 18.67 -9.28 19.75
C12 78M S . 19.60 -9.61 18.60
C13 78M S . 20.83 -8.74 18.71
C15 78M S . 23.08 -8.82 19.77
C14 78M S . 22.03 -9.62 19.00
O21 78M T . -9.16 -13.77 24.16
C20 78M T . -7.78 -14.07 24.20
C18 78M T . -7.52 -15.41 23.53
O19 78M T . -8.74 -16.08 23.36
C17 78M T . -6.59 -16.27 24.35
O2 78M T . -6.26 -17.45 23.64
C1 78M T . -5.11 -17.38 22.82
O1 78M T . -5.19 -16.85 21.73
C2 78M T . -3.80 -17.97 23.29
C3 78M T . -2.64 -17.41 22.49
C4 78M T . -1.87 -18.56 21.83
C5 78M T . -0.38 -18.27 21.81
C6 78M T . 0.24 -18.96 20.61
C7 78M T . 1.76 -18.92 20.67
C8 78M T . 2.48 -19.46 19.66
C9 78M T . 1.76 -20.10 18.49
C10 78M T . 2.45 -21.38 18.08
C11 78M T . 1.46 -22.21 17.27
C12 78M T . 2.16 -23.43 16.72
C13 78M T . 1.37 -24.66 17.12
C15 78M T . 1.34 -27.11 16.88
C14 78M T . 1.68 -25.81 16.19
O21 78M U . -20.65 -8.84 2.75
C20 78M U . -19.84 -9.70 1.99
C18 78M U . -18.40 -9.46 2.37
O19 78M U . -17.92 -8.35 1.65
C17 78M U . -17.58 -10.68 2.04
O2 78M U . -16.51 -10.32 1.21
C1 78M U . -15.95 -11.42 0.53
O1 78M U . -15.43 -12.31 1.17
C2 78M U . -16.02 -11.49 -0.99
C3 78M U . -16.31 -12.90 -1.46
C4 78M U . -15.30 -13.30 -2.50
C5 78M U . -15.85 -13.08 -3.89
C6 78M U . -16.40 -14.38 -4.41
C7 78M U . -16.04 -14.55 -5.87
C8 78M U . -16.07 -15.77 -6.44
C9 78M U . -16.46 -16.96 -5.59
C10 78M U . -15.73 -18.20 -6.08
C11 78M U . -16.66 -19.00 -6.94
C12 78M U . -15.91 -20.20 -7.45
C13 78M U . -15.32 -19.85 -8.80
C15 78M U . -17.33 -20.38 -10.12
C14 78M U . -16.43 -19.26 -9.64
O21 78M V . -23.88 6.99 0.70
C20 78M V . -22.48 6.86 0.75
C18 78M V . -21.90 7.17 -0.61
O19 78M V . -22.97 7.51 -1.46
C17 78M V . -21.20 5.95 -1.15
O2 78M V . -20.01 6.30 -1.83
C1 78M V . -19.80 5.56 -3.01
O1 78M V . -20.59 5.65 -3.94
C2 78M V . -18.59 4.65 -3.15
C3 78M V . -18.85 3.59 -4.20
C4 78M V . -18.28 4.05 -5.53
C5 78M V . -19.12 3.48 -6.66
C6 78M V . -19.34 4.54 -7.71
C7 78M V . -20.83 4.80 -7.85
C8 78M V . -21.34 5.38 -8.97
C9 78M V . -20.43 5.79 -10.09
C10 78M V . -20.88 5.19 -11.40
C11 78M V . -19.73 5.25 -12.38
C12 78M V . -18.53 4.57 -11.77
C13 78M V . -18.24 3.29 -12.53
C15 78M V . -16.36 4.49 -13.62
C14 78M V . -16.76 3.24 -12.87
O21 78M W . 6.05 22.87 -19.25
C20 78M W . 6.65 22.81 -17.97
C18 78M W . 5.70 22.13 -17.00
O19 78M W . 4.57 22.96 -16.80
C17 78M W . 6.39 21.86 -15.68
O2 78M W . 5.48 21.34 -14.74
C1 78M W . 6.02 21.04 -13.48
O1 78M W . 7.20 20.73 -13.40
C2 78M W . 5.19 21.10 -12.22
C3 78M W . 3.76 20.70 -12.48
C4 78M W . 2.82 21.64 -11.74
C5 78M W . 1.38 21.31 -12.10
C6 78M W . 0.44 22.43 -11.68
C7 78M W . 0.89 22.99 -10.35
C8 78M W . 0.06 23.72 -9.56
C9 78M W . -1.39 24.01 -9.90
C10 78M W . -2.03 24.62 -8.67
C11 78M W . -3.51 24.86 -8.87
C12 78M W . -4.17 25.09 -7.52
C13 78M W . -3.52 26.25 -6.79
C15 78M W . -4.21 26.40 -4.41
C14 78M W . -3.18 25.85 -5.37
O21 78M X . -2.43 -5.83 -17.36
C20 78M X . -3.66 -5.14 -17.26
C18 78M X . -4.77 -6.07 -17.67
O19 78M X . -4.22 -7.24 -18.23
C17 78M X . -5.64 -5.37 -18.69
O2 78M X . -5.95 -4.08 -18.20
C1 78M X . -7.02 -3.44 -18.88
O1 78M X . -7.65 -4.04 -19.73
C2 78M X . -7.38 -2.01 -18.54
C3 78M X . -8.07 -1.39 -19.74
C4 78M X . -7.85 0.12 -19.77
C5 78M X . -9.02 0.81 -19.11
C6 78M X . -8.59 2.19 -18.68
C7 78M X . -8.38 2.21 -17.18
C8 78M X . -8.06 3.35 -16.53
C9 78M X . -7.92 4.66 -17.28
C10 78M X . -8.18 5.80 -16.32
C11 78M X . -9.66 6.09 -16.26
C12 78M X . -9.91 7.48 -15.71
C13 78M X . -9.04 8.50 -16.42
C15 78M X . -8.68 9.77 -18.52
C14 78M X . -9.56 8.74 -17.82
O21 78M Y . 20.87 -0.45 -1.81
C20 78M Y . 21.67 -0.87 -0.74
C18 78M Y . 20.96 -0.52 0.55
O19 78M Y . 19.58 -0.72 0.39
C17 78M Y . 21.26 0.91 0.91
O2 78M Y . 20.64 1.79 0.01
C1 78M Y . 21.11 3.12 0.07
O1 78M Y . 22.30 3.36 -0.07
C2 78M Y . 20.16 4.28 0.29
C3 78M Y . 20.40 5.33 -0.76
C4 78M Y . 19.86 6.65 -0.26
C5 78M Y . 20.88 7.29 0.65
C6 78M Y . 20.73 8.79 0.64
C7 78M Y . 19.51 9.22 1.40
C8 78M Y . 19.53 9.41 2.75
C9 78M Y . 20.78 9.22 3.57
C10 78M Y . 20.50 8.19 4.63
C11 78M Y . 19.15 8.46 5.28
C12 78M Y . 19.28 9.54 6.33
C13 78M Y . 17.90 10.12 6.62
C15 78M Y . 16.79 8.38 8.03
C14 78M Y . 17.46 9.75 8.02
O5 PE5 Z . -7.47 21.28 13.15
C9 PE5 Z . -8.21 21.70 11.99
C10 PE5 Z . -7.49 22.92 11.34
O6 PE5 Z . -8.10 23.30 10.09
C11 PE5 Z . -9.25 24.20 10.26
C12 PE5 Z . -8.98 25.20 11.38
O7 PE5 Z . -9.91 25.05 12.44
C13 PE5 Z . -10.36 26.29 12.98
C2 PE5 AA . -12.45 12.83 18.29
O2 PE5 AA . -11.44 13.65 17.72
C3 PE5 AA . -10.17 13.07 17.74
C4 PE5 AA . -9.50 13.23 16.36
O3 PE5 AA . -8.36 14.07 16.49
C5 PE5 AA . -8.53 15.32 15.88
C6 PE5 AA . -7.95 16.46 16.77
O4 PE5 AA . -6.55 16.59 16.54
C7 PE5 AA . -6.06 17.94 16.67
C8 PE5 AA . -5.13 18.05 17.93
O5 PE5 AA . -4.01 17.27 17.77
#